data_1PKG
#
_entry.id   1PKG
#
_cell.length_a   92.667
_cell.length_b   116.458
_cell.length_c   60.066
_cell.angle_alpha   90.00
_cell.angle_beta   90.00
_cell.angle_gamma   90.00
#
_symmetry.space_group_name_H-M   'P 21 21 2'
#
loop_
_entity.id
_entity.type
_entity.pdbx_description
1 polymer 'c-kit protein'
2 non-polymer 'MAGNESIUM ION'
3 non-polymer "ADENOSINE-5'-DIPHOSPHATE"
4 water water
#
_entity_poly.entity_id   1
_entity_poly.type   'polypeptide(L)'
_entity_poly.pdbx_seq_one_letter_code
;QKPMYEVQWKVVEEINGNN(PTR)V(PTR)IDPTQLPYDHKWEFPRNRLSFGKTLGAGAFGKVVEATAYGLIKSDAAMTV
AVKMLKPSAHLTEREALMSELKVLSYLGNHMNIVNLLGACTIGGPTLVITEYCCYGDLLNFLRRKRDSFICSKTSPAIME
DDELALDLEDLLSFSYQVAKGMAFLASKNCIHRDLAARNILLTHGRITKICDFGLARDIKNDSNYVVKGNARLPVKWMAP
ESIFNCVYTFESDVWSYGIFLWELFSLGSSPYPGMPVDSKFYKMIKEGFRMLSPEHAPAEMYDIMKTCWDADPLKRPTFK
QIVQLIEKQISESTNHI
;
_entity_poly.pdbx_strand_id   A,B
#
loop_
_chem_comp.id
_chem_comp.type
_chem_comp.name
_chem_comp.formula
ADP non-polymer ADENOSINE-5'-DIPHOSPHATE 'C10 H15 N5 O10 P2'
MG non-polymer 'MAGNESIUM ION' 'Mg 2'
#
# COMPACT_ATOMS: atom_id res chain seq x y z
N ASN A 19 -15.69 -19.84 -6.91
CA ASN A 19 -15.81 -18.76 -5.86
C ASN A 19 -16.83 -17.61 -6.20
N PTR A 20 -17.23 -16.82 -5.19
CA PTR A 20 -18.35 -15.89 -5.33
C PTR A 20 -17.93 -14.47 -5.66
O PTR A 20 -16.88 -14.01 -5.26
CB PTR A 20 -19.15 -15.94 -4.03
CG PTR A 20 -19.65 -17.32 -3.61
CD1 PTR A 20 -18.79 -18.40 -3.50
CD2 PTR A 20 -20.99 -17.53 -3.33
CE1 PTR A 20 -19.25 -19.65 -3.15
CE2 PTR A 20 -21.47 -18.77 -2.97
CZ PTR A 20 -20.59 -19.83 -2.88
OH PTR A 20 -21.00 -20.93 -2.55
P PTR A 20 -21.00 -21.29 -0.99
O1P PTR A 20 -21.81 -20.27 -0.31
O2P PTR A 20 -19.58 -21.30 -0.43
O3P PTR A 20 -21.66 -22.65 -0.78
N VAL A 21 -18.74 -13.75 -6.42
CA VAL A 21 -18.39 -12.39 -6.84
C VAL A 21 -19.60 -11.48 -6.77
N PTR A 22 -19.33 -10.20 -6.54
CA PTR A 22 -20.37 -9.17 -6.63
C PTR A 22 -20.62 -8.97 -8.12
O PTR A 22 -19.70 -8.56 -8.81
CB PTR A 22 -19.92 -7.90 -5.90
CG PTR A 22 -20.27 -7.89 -4.43
CD1 PTR A 22 -19.27 -8.08 -3.47
CD2 PTR A 22 -21.58 -7.69 -3.99
CE1 PTR A 22 -19.58 -8.08 -2.10
CE2 PTR A 22 -21.91 -7.71 -2.63
CZ PTR A 22 -20.90 -7.89 -1.67
OH PTR A 22 -21.18 -7.90 -0.44
P PTR A 22 -20.51 -6.95 0.69
O1P PTR A 22 -20.93 -7.44 2.05
O2P PTR A 22 -20.94 -5.47 0.53
O3P PTR A 22 -18.98 -7.02 0.61
N ILE A 23 -21.80 -9.31 -8.62
CA ILE A 23 -22.03 -9.25 -10.08
C ILE A 23 -21.79 -7.83 -10.55
N ASP A 24 -20.78 -7.70 -11.41
CA ASP A 24 -20.29 -6.40 -11.80
C ASP A 24 -21.15 -5.84 -12.92
N PRO A 25 -21.85 -4.74 -12.65
CA PRO A 25 -22.77 -4.14 -13.61
C PRO A 25 -22.09 -3.71 -14.90
N THR A 26 -20.84 -3.27 -14.78
CA THR A 26 -20.06 -2.76 -15.90
C THR A 26 -19.41 -3.88 -16.69
N GLN A 27 -19.62 -5.12 -16.30
CA GLN A 27 -19.14 -6.27 -17.05
C GLN A 27 -20.28 -6.95 -17.82
N LEU A 28 -21.50 -6.48 -17.57
CA LEU A 28 -22.71 -7.12 -18.09
C LEU A 28 -22.94 -6.93 -19.56
N PRO A 29 -23.32 -8.02 -20.21
CA PRO A 29 -23.28 -8.19 -21.66
C PRO A 29 -23.64 -7.00 -22.57
N TYR A 30 -24.59 -6.13 -22.20
CA TYR A 30 -24.97 -4.93 -22.98
C TYR A 30 -26.46 -4.81 -23.19
N ASP A 31 -27.02 -3.63 -22.94
CA ASP A 31 -28.46 -3.41 -23.11
C ASP A 31 -28.85 -2.80 -24.45
N HIS A 32 -29.65 -3.54 -25.22
CA HIS A 32 -30.06 -3.12 -26.57
C HIS A 32 -31.08 -1.98 -26.60
N LYS A 33 -31.51 -1.55 -25.40
CA LYS A 33 -32.31 -0.34 -25.19
C LYS A 33 -31.58 0.98 -25.54
N TRP A 34 -30.25 0.97 -25.59
CA TRP A 34 -29.49 2.15 -26.01
C TRP A 34 -29.40 2.32 -27.52
N GLU A 35 -29.71 1.26 -28.26
CA GLU A 35 -29.54 1.21 -29.70
C GLU A 35 -30.26 2.35 -30.36
N PHE A 36 -29.49 3.09 -31.16
CA PHE A 36 -30.00 4.18 -31.99
C PHE A 36 -29.45 4.04 -33.40
N PRO A 37 -30.33 4.05 -34.40
CA PRO A 37 -29.93 3.74 -35.78
C PRO A 37 -28.97 4.78 -36.29
N ARG A 38 -27.83 4.34 -36.81
CA ARG A 38 -26.77 5.28 -37.15
C ARG A 38 -27.10 6.16 -38.35
N ASN A 39 -27.88 5.64 -39.28
CA ASN A 39 -28.37 6.43 -40.38
C ASN A 39 -29.28 7.60 -39.95
N ARG A 40 -29.59 7.69 -38.66
CA ARG A 40 -30.32 8.83 -38.13
C ARG A 40 -29.34 9.84 -37.54
N LEU A 41 -28.06 9.48 -37.55
CA LEU A 41 -27.01 10.37 -37.11
C LEU A 41 -26.32 11.02 -38.29
N SER A 42 -25.69 12.14 -38.03
CA SER A 42 -24.88 12.82 -39.01
C SER A 42 -23.72 13.53 -38.28
N PHE A 43 -22.54 13.59 -38.92
CA PHE A 43 -21.33 14.11 -38.28
C PHE A 43 -20.91 15.51 -38.67
N GLY A 44 -20.64 16.34 -37.67
CA GLY A 44 -20.06 17.65 -37.91
C GLY A 44 -18.57 17.59 -37.73
N LYS A 45 -17.98 18.66 -37.19
CA LYS A 45 -16.54 18.72 -36.92
C LYS A 45 -16.15 17.86 -35.72
N THR A 46 -14.96 17.27 -35.82
CA THR A 46 -14.31 16.56 -34.72
C THR A 46 -14.17 17.39 -33.40
N LEU A 47 -14.57 16.81 -32.27
CA LEU A 47 -14.60 17.51 -30.99
C LEU A 47 -13.29 17.35 -30.17
N GLY A 48 -12.66 16.20 -30.36
CA GLY A 48 -11.38 15.86 -29.77
C GLY A 48 -11.00 14.43 -30.14
N ALA A 49 -9.86 14.00 -29.61
CA ALA A 49 -9.43 12.61 -29.71
C ALA A 49 -8.42 12.38 -28.60
N GLY A 50 -8.65 11.37 -27.78
CA GLY A 50 -7.67 11.04 -26.77
C GLY A 50 -6.87 9.84 -27.23
N ALA A 51 -6.48 9.00 -26.26
CA ALA A 51 -5.70 7.78 -26.56
C ALA A 51 -6.62 6.65 -27.00
N PHE A 52 -7.86 6.71 -26.54
CA PHE A 52 -8.79 5.64 -26.80
C PHE A 52 -9.69 5.88 -28.03
N GLY A 53 -10.51 6.91 -28.01
CA GLY A 53 -11.52 7.03 -29.03
C GLY A 53 -11.36 8.29 -29.82
N LYS A 54 -12.18 8.44 -30.86
CA LYS A 54 -12.40 9.74 -31.47
C LYS A 54 -13.82 10.23 -31.22
N VAL A 55 -13.94 11.46 -30.77
CA VAL A 55 -15.25 12.02 -30.55
C VAL A 55 -15.51 13.07 -31.59
N VAL A 56 -16.73 13.02 -32.10
CA VAL A 56 -17.20 13.89 -33.16
C VAL A 56 -18.57 14.46 -32.75
N GLU A 57 -18.83 15.72 -33.13
CA GLU A 57 -20.12 16.39 -32.96
C GLU A 57 -21.12 15.78 -33.91
N ALA A 58 -22.39 15.81 -33.56
CA ALA A 58 -23.37 15.20 -34.41
C ALA A 58 -24.80 15.67 -34.17
N THR A 59 -25.66 15.38 -35.13
CA THR A 59 -27.09 15.51 -34.97
C THR A 59 -27.79 14.14 -34.96
N ALA A 60 -28.63 13.94 -33.95
CA ALA A 60 -29.39 12.70 -33.78
C ALA A 60 -30.85 13.01 -34.05
N TYR A 61 -31.35 12.59 -35.21
CA TYR A 61 -32.73 12.93 -35.52
C TYR A 61 -33.70 11.95 -34.91
N GLY A 62 -34.50 12.47 -34.00
CA GLY A 62 -35.48 11.68 -33.30
C GLY A 62 -34.87 10.89 -32.15
N LEU A 63 -33.87 11.45 -31.48
CA LEU A 63 -33.17 10.69 -30.46
C LEU A 63 -33.89 10.69 -29.10
N ILE A 64 -34.62 11.78 -28.81
CA ILE A 64 -35.53 11.77 -27.66
C ILE A 64 -37.01 12.06 -28.02
N LYS A 65 -37.31 13.28 -28.47
CA LYS A 65 -38.59 13.55 -29.12
C LYS A 65 -38.60 12.89 -30.50
N SER A 66 -39.69 12.22 -30.85
CA SER A 66 -39.83 11.56 -32.16
C SER A 66 -39.31 12.41 -33.34
N ASP A 67 -39.29 13.73 -33.15
CA ASP A 67 -38.73 14.69 -34.12
C ASP A 67 -37.57 15.60 -33.56
N ALA A 68 -36.52 15.00 -32.99
CA ALA A 68 -35.54 15.75 -32.19
C ALA A 68 -34.67 16.79 -32.92
N ALA A 69 -33.82 16.35 -33.86
CA ALA A 69 -32.65 17.14 -34.31
C ALA A 69 -31.85 17.68 -33.12
N MET A 70 -31.56 16.77 -32.21
CA MET A 70 -30.70 17.04 -31.07
C MET A 70 -29.24 17.16 -31.52
N THR A 71 -28.44 17.97 -30.82
CA THR A 71 -26.99 18.01 -31.04
C THR A 71 -26.31 17.12 -30.01
N VAL A 72 -25.41 16.27 -30.49
CA VAL A 72 -24.77 15.28 -29.64
C VAL A 72 -23.27 15.09 -29.87
N ALA A 73 -22.62 14.32 -29.02
CA ALA A 73 -21.25 13.92 -29.24
C ALA A 73 -21.30 12.47 -29.49
N VAL A 74 -20.67 12.05 -30.57
CA VAL A 74 -20.61 10.65 -30.87
C VAL A 74 -19.18 10.23 -30.66
N LYS A 75 -18.97 9.11 -29.98
CA LYS A 75 -17.63 8.61 -29.77
C LYS A 75 -17.50 7.25 -30.42
N MET A 76 -16.33 7.06 -31.05
CA MET A 76 -16.04 5.90 -31.87
C MET A 76 -14.56 5.62 -31.90
N LEU A 77 -14.23 4.37 -32.13
CA LEU A 77 -12.86 3.96 -32.31
C LEU A 77 -12.18 4.77 -33.41
N LYS A 78 -10.88 5.01 -33.27
CA LYS A 78 -10.12 5.60 -34.36
C LYS A 78 -9.81 4.43 -35.29
N PRO A 79 -9.73 4.69 -36.60
CA PRO A 79 -9.49 3.61 -37.56
C PRO A 79 -8.15 2.97 -37.20
N SER A 80 -7.93 1.71 -37.60
CA SER A 80 -6.72 0.96 -37.22
C SER A 80 -6.45 0.98 -35.69
N ALA A 81 -7.53 0.95 -34.90
CA ALA A 81 -7.43 0.83 -33.46
C ALA A 81 -7.12 -0.61 -33.09
N HIS A 82 -6.55 -0.81 -31.91
CA HIS A 82 -6.13 -2.13 -31.42
C HIS A 82 -7.16 -2.79 -30.53
N LEU A 83 -6.80 -3.96 -29.97
CA LEU A 83 -7.71 -4.68 -29.07
C LEU A 83 -8.08 -3.82 -27.89
N THR A 84 -7.06 -3.29 -27.21
CA THR A 84 -7.25 -2.39 -26.09
C THR A 84 -8.25 -1.25 -26.38
N GLU A 85 -7.98 -0.43 -27.39
CA GLU A 85 -8.93 0.62 -27.76
C GLU A 85 -10.33 0.05 -27.96
N ARG A 86 -10.43 -1.05 -28.69
CA ARG A 86 -11.71 -1.72 -28.97
C ARG A 86 -12.46 -1.98 -27.67
N GLU A 87 -11.89 -2.84 -26.83
CA GLU A 87 -12.49 -3.32 -25.60
C GLU A 87 -12.92 -2.17 -24.72
N ALA A 88 -12.12 -1.11 -24.73
CA ALA A 88 -12.32 0.04 -23.85
C ALA A 88 -13.57 0.81 -24.20
N LEU A 89 -13.89 0.86 -25.48
CA LEU A 89 -15.01 1.68 -25.93
C LEU A 89 -16.32 1.05 -25.51
N MET A 90 -16.35 -0.27 -25.58
CA MET A 90 -17.43 -1.07 -25.06
C MET A 90 -17.47 -0.96 -23.55
N SER A 91 -16.29 -0.94 -22.92
CA SER A 91 -16.21 -0.89 -21.47
C SER A 91 -16.88 0.38 -20.98
N GLU A 92 -16.72 1.47 -21.73
CA GLU A 92 -17.34 2.72 -21.28
C GLU A 92 -18.79 2.88 -21.68
N LEU A 93 -19.19 2.22 -22.75
CA LEU A 93 -20.60 2.11 -23.01
C LEU A 93 -21.23 1.51 -21.78
N LYS A 94 -20.66 0.40 -21.30
CA LYS A 94 -21.22 -0.37 -20.21
C LYS A 94 -21.27 0.39 -18.88
N VAL A 95 -20.22 1.16 -18.59
CA VAL A 95 -20.08 2.00 -17.39
C VAL A 95 -21.09 3.17 -17.41
N LEU A 96 -20.98 3.97 -18.47
CA LEU A 96 -21.84 5.12 -18.67
C LEU A 96 -23.28 4.71 -18.44
N SER A 97 -23.62 3.56 -19.04
CA SER A 97 -24.89 2.86 -18.82
C SER A 97 -25.22 2.64 -17.35
N TYR A 98 -24.27 2.09 -16.58
CA TYR A 98 -24.50 1.72 -15.21
C TYR A 98 -24.73 2.93 -14.32
N LEU A 99 -23.94 3.98 -14.53
CA LEU A 99 -24.02 5.17 -13.66
C LEU A 99 -25.27 5.98 -13.93
N GLY A 100 -25.66 6.03 -15.22
CA GLY A 100 -26.83 6.77 -15.67
C GLY A 100 -26.71 8.26 -15.41
N ASN A 101 -27.75 9.01 -15.80
CA ASN A 101 -27.82 10.45 -15.51
C ASN A 101 -27.28 10.78 -14.12
N HIS A 102 -26.39 11.76 -14.11
CA HIS A 102 -25.97 12.49 -12.92
C HIS A 102 -25.36 13.74 -13.49
N MET A 103 -25.79 14.90 -12.99
CA MET A 103 -25.39 16.14 -13.64
C MET A 103 -23.90 16.19 -13.98
N ASN A 104 -23.06 15.71 -13.07
CA ASN A 104 -21.62 15.89 -13.27
C ASN A 104 -20.87 14.81 -14.05
N ILE A 105 -21.53 13.71 -14.34
CA ILE A 105 -20.99 12.74 -15.27
C ILE A 105 -21.52 13.05 -16.67
N VAL A 106 -20.85 12.52 -17.69
CA VAL A 106 -21.31 12.65 -19.07
C VAL A 106 -22.58 11.79 -19.30
N ASN A 107 -23.66 12.41 -19.73
CA ASN A 107 -24.91 11.69 -20.08
C ASN A 107 -24.83 10.75 -21.28
N LEU A 108 -24.91 9.44 -21.06
CA LEU A 108 -25.09 8.53 -22.19
C LEU A 108 -26.55 8.51 -22.73
N LEU A 109 -26.68 8.63 -24.05
CA LEU A 109 -27.99 8.74 -24.66
C LEU A 109 -28.25 7.68 -25.73
N GLY A 110 -27.21 6.91 -26.06
CA GLY A 110 -27.35 5.86 -27.05
C GLY A 110 -26.03 5.26 -27.48
N ALA A 111 -26.14 4.22 -28.28
CA ALA A 111 -25.01 3.61 -28.94
C ALA A 111 -25.54 3.08 -30.25
N CYS A 112 -24.66 2.85 -31.21
CA CYS A 112 -25.02 2.01 -32.34
C CYS A 112 -23.97 0.93 -32.35
N THR A 113 -24.42 -0.32 -32.30
CA THR A 113 -23.52 -1.48 -32.32
C THR A 113 -23.73 -2.34 -33.57
N ILE A 114 -24.74 -2.00 -34.35
CA ILE A 114 -25.21 -2.86 -35.42
C ILE A 114 -24.99 -2.10 -36.70
N GLY A 115 -24.50 -2.79 -37.72
CA GLY A 115 -24.36 -2.25 -39.06
C GLY A 115 -23.33 -1.16 -39.27
N GLY A 116 -22.15 -1.36 -38.68
CA GLY A 116 -21.05 -0.40 -38.75
C GLY A 116 -20.34 -0.34 -37.42
N PRO A 117 -19.30 0.48 -37.27
CA PRO A 117 -18.53 0.56 -36.03
C PRO A 117 -19.33 0.95 -34.77
N THR A 118 -18.85 0.58 -33.59
CA THR A 118 -19.53 0.99 -32.38
C THR A 118 -19.49 2.47 -32.25
N LEU A 119 -20.68 3.05 -32.23
CA LEU A 119 -20.84 4.45 -32.01
C LEU A 119 -21.42 4.66 -30.62
N VAL A 120 -20.73 5.37 -29.73
CA VAL A 120 -21.28 5.68 -28.41
C VAL A 120 -21.78 7.10 -28.38
N ILE A 121 -23.10 7.26 -28.23
CA ILE A 121 -23.75 8.59 -28.22
C ILE A 121 -23.91 9.24 -26.82
N THR A 122 -23.37 10.46 -26.71
CA THR A 122 -23.25 11.22 -25.47
C THR A 122 -23.90 12.61 -25.57
N GLU A 123 -24.30 13.17 -24.45
CA GLU A 123 -24.85 14.52 -24.42
C GLU A 123 -23.78 15.48 -24.85
N TYR A 124 -24.06 16.29 -25.86
CA TYR A 124 -23.06 17.27 -26.26
C TYR A 124 -22.76 18.35 -25.18
N CYS A 125 -21.51 18.47 -24.78
CA CYS A 125 -21.05 19.61 -23.97
C CYS A 125 -20.44 20.64 -24.89
N CYS A 126 -20.88 21.87 -24.83
CA CYS A 126 -20.64 22.76 -25.96
C CYS A 126 -19.29 23.46 -25.89
N TYR A 127 -18.67 23.40 -24.71
CA TYR A 127 -17.41 24.10 -24.47
C TYR A 127 -16.17 23.20 -24.49
N GLY A 128 -16.39 21.89 -24.46
CA GLY A 128 -15.33 20.92 -24.61
C GLY A 128 -14.64 20.62 -23.30
N ASP A 129 -13.41 20.14 -23.40
CA ASP A 129 -12.64 19.74 -22.23
C ASP A 129 -12.11 20.93 -21.48
N LEU A 130 -12.28 20.96 -20.16
CA LEU A 130 -11.72 22.04 -19.37
C LEU A 130 -10.33 22.39 -19.83
N LEU A 131 -9.52 21.39 -20.16
CA LEU A 131 -8.12 21.64 -20.43
C LEU A 131 -8.02 22.65 -21.56
N ASN A 132 -8.69 22.34 -22.66
CA ASN A 132 -8.63 23.15 -23.87
C ASN A 132 -9.27 24.49 -23.57
N PHE A 133 -10.43 24.44 -22.89
CA PHE A 133 -11.22 25.61 -22.51
C PHE A 133 -10.39 26.57 -21.67
N LEU A 134 -9.59 25.99 -20.78
CA LEU A 134 -8.74 26.75 -19.90
C LEU A 134 -7.68 27.52 -20.64
N ARG A 135 -7.14 26.94 -21.68
CA ARG A 135 -6.04 27.56 -22.41
C ARG A 135 -6.53 28.64 -23.38
N ARG A 136 -7.74 28.49 -23.89
CA ARG A 136 -8.36 29.52 -24.70
C ARG A 136 -8.69 30.77 -23.84
N LYS A 137 -8.97 30.55 -22.55
CA LYS A 137 -9.47 31.61 -21.67
C LYS A 137 -8.46 32.00 -20.57
N ARG A 138 -7.24 31.50 -20.68
CA ARG A 138 -6.21 31.82 -19.70
C ARG A 138 -5.80 33.29 -19.82
N ASP A 139 -5.81 33.75 -21.06
CA ASP A 139 -5.24 35.02 -21.45
C ASP A 139 -6.27 36.11 -21.16
N SER A 140 -7.20 35.78 -20.26
CA SER A 140 -8.40 36.58 -19.97
C SER A 140 -8.91 36.38 -18.53
N PHE A 141 -8.23 35.52 -17.78
CA PHE A 141 -8.54 35.21 -16.39
C PHE A 141 -8.46 36.42 -15.46
N ILE A 142 -9.47 36.53 -14.60
CA ILE A 142 -9.52 37.49 -13.49
C ILE A 142 -10.21 36.81 -12.30
N CYS A 143 -10.44 37.55 -11.22
CA CYS A 143 -11.40 37.12 -10.22
C CYS A 143 -12.60 38.09 -10.21
N SER A 144 -13.55 37.84 -9.31
CA SER A 144 -14.77 38.65 -9.09
C SER A 144 -15.57 39.30 -10.26
N LYS A 145 -15.26 38.93 -11.52
CA LYS A 145 -15.97 39.41 -12.72
C LYS A 145 -16.23 40.93 -12.77
N ALA A 157 -15.22 35.33 -20.27
CA ALA A 157 -14.59 35.67 -19.00
C ALA A 157 -14.56 34.49 -18.02
N LEU A 158 -13.36 34.14 -17.54
CA LEU A 158 -13.19 33.04 -16.57
C LEU A 158 -12.92 33.60 -15.17
N ASP A 159 -13.66 33.08 -14.20
CA ASP A 159 -13.60 33.60 -12.83
C ASP A 159 -12.72 32.74 -11.94
N LEU A 160 -12.37 33.26 -10.77
CA LEU A 160 -11.83 32.41 -9.72
C LEU A 160 -12.96 31.57 -9.13
N GLU A 161 -14.14 32.18 -8.95
CA GLU A 161 -15.37 31.45 -8.56
C GLU A 161 -15.73 30.29 -9.50
N ASP A 162 -15.52 30.51 -10.79
CA ASP A 162 -15.68 29.50 -11.82
C ASP A 162 -14.73 28.32 -11.60
N LEU A 163 -13.48 28.62 -11.27
CA LEU A 163 -12.46 27.60 -11.02
C LEU A 163 -12.84 26.81 -9.78
N LEU A 164 -13.18 27.51 -8.71
CA LEU A 164 -13.75 26.90 -7.53
C LEU A 164 -14.94 26.03 -7.92
N SER A 165 -15.94 26.63 -8.57
CA SER A 165 -17.10 25.90 -9.06
C SER A 165 -16.78 24.58 -9.77
N PHE A 166 -15.75 24.57 -10.64
CA PHE A 166 -15.34 23.32 -11.32
C PHE A 166 -14.69 22.33 -10.37
N SER A 167 -14.04 22.83 -9.31
CA SER A 167 -13.40 21.98 -8.30
C SER A 167 -14.47 21.24 -7.55
N TYR A 168 -15.48 22.00 -7.11
CA TYR A 168 -16.66 21.46 -6.44
C TYR A 168 -17.34 20.39 -7.29
N GLN A 169 -17.71 20.76 -8.51
CA GLN A 169 -18.46 19.86 -9.38
C GLN A 169 -17.73 18.55 -9.75
N VAL A 170 -16.42 18.60 -9.94
CA VAL A 170 -15.73 17.35 -10.27
C VAL A 170 -15.63 16.49 -9.00
N ALA A 171 -15.35 17.12 -7.86
CA ALA A 171 -15.24 16.37 -6.62
C ALA A 171 -16.61 15.73 -6.30
N LYS A 172 -17.68 16.49 -6.52
CA LYS A 172 -19.06 16.07 -6.34
C LYS A 172 -19.30 14.83 -7.18
N GLY A 173 -18.94 14.91 -8.46
CA GLY A 173 -19.11 13.81 -9.40
C GLY A 173 -18.23 12.63 -9.08
N MET A 174 -17.01 12.89 -8.62
CA MET A 174 -16.08 11.82 -8.27
C MET A 174 -16.54 11.09 -7.00
N ALA A 175 -17.16 11.85 -6.10
CA ALA A 175 -17.73 11.30 -4.88
C ALA A 175 -18.90 10.40 -5.21
N PHE A 176 -19.56 10.69 -6.35
CA PHE A 176 -20.67 9.89 -6.87
C PHE A 176 -20.23 8.55 -7.48
N LEU A 177 -19.19 8.57 -8.32
CA LEU A 177 -18.57 7.35 -8.84
C LEU A 177 -18.19 6.38 -7.75
N ALA A 178 -17.69 6.91 -6.65
CA ALA A 178 -17.09 6.13 -5.60
C ALA A 178 -18.17 5.40 -4.84
N SER A 179 -19.28 6.09 -4.63
CA SER A 179 -20.45 5.49 -3.99
C SER A 179 -21.00 4.36 -4.86
N LYS A 180 -20.74 4.48 -6.16
CA LYS A 180 -21.21 3.54 -7.13
C LYS A 180 -20.13 2.55 -7.42
N ASN A 181 -19.11 2.57 -6.55
CA ASN A 181 -18.06 1.53 -6.47
C ASN A 181 -17.05 1.58 -7.61
N CYS A 182 -16.98 2.72 -8.27
CA CYS A 182 -16.20 2.83 -9.48
C CYS A 182 -15.03 3.75 -9.29
N ILE A 183 -13.95 3.45 -10.00
CA ILE A 183 -12.81 4.34 -10.07
C ILE A 183 -12.61 4.75 -11.51
N HIS A 184 -12.38 6.03 -11.71
CA HIS A 184 -12.26 6.57 -13.05
C HIS A 184 -10.98 6.11 -13.74
N ARG A 185 -9.87 6.16 -13.00
CA ARG A 185 -8.54 5.76 -13.48
C ARG A 185 -7.91 6.73 -14.51
N ASP A 186 -8.67 7.74 -14.95
CA ASP A 186 -8.13 8.75 -15.85
C ASP A 186 -8.66 10.18 -15.68
N LEU A 187 -9.01 10.51 -14.45
CA LEU A 187 -9.37 11.86 -14.10
C LEU A 187 -8.24 12.80 -14.52
N ALA A 188 -8.56 13.75 -15.37
CA ALA A 188 -7.59 14.74 -15.80
C ALA A 188 -8.43 15.85 -16.37
N ALA A 189 -7.81 16.99 -16.65
CA ALA A 189 -8.49 18.19 -17.12
C ALA A 189 -9.08 17.96 -18.51
N ARG A 190 -8.41 17.11 -19.28
CA ARG A 190 -8.85 16.80 -20.63
C ARG A 190 -10.06 15.89 -20.65
N ASN A 191 -10.34 15.23 -19.53
CA ASN A 191 -11.50 14.33 -19.49
C ASN A 191 -12.64 14.88 -18.65
N ILE A 192 -12.60 16.20 -18.45
CA ILE A 192 -13.72 16.90 -17.88
C ILE A 192 -14.27 17.86 -18.92
N LEU A 193 -15.55 17.67 -19.23
CA LEU A 193 -16.28 18.51 -20.16
C LEU A 193 -17.01 19.62 -19.43
N LEU A 194 -17.42 20.64 -20.17
CA LEU A 194 -18.16 21.77 -19.61
C LEU A 194 -19.31 22.20 -20.55
N THR A 195 -20.52 22.24 -20.00
CA THR A 195 -21.69 22.62 -20.76
C THR A 195 -22.15 24.02 -20.27
N HIS A 196 -23.38 24.45 -20.55
CA HIS A 196 -23.66 25.89 -20.41
C HIS A 196 -23.75 26.57 -19.03
N GLY A 197 -24.49 26.00 -18.09
CA GLY A 197 -24.62 26.66 -16.79
C GLY A 197 -23.36 26.51 -15.95
N ARG A 198 -22.19 26.78 -16.52
CA ARG A 198 -20.92 26.48 -15.86
C ARG A 198 -20.91 25.07 -15.30
N ILE A 199 -21.73 24.17 -15.86
CA ILE A 199 -21.88 22.80 -15.34
C ILE A 199 -20.87 21.83 -15.95
N THR A 200 -20.12 21.12 -15.11
CA THR A 200 -19.05 20.27 -15.63
C THR A 200 -19.44 18.79 -15.62
N LYS A 201 -19.03 18.05 -16.64
CA LYS A 201 -19.34 16.64 -16.78
C LYS A 201 -18.06 15.85 -16.88
N ILE A 202 -17.93 14.74 -16.16
CA ILE A 202 -16.71 13.93 -16.22
C ILE A 202 -16.93 12.99 -17.36
N CYS A 203 -15.91 12.77 -18.19
CA CYS A 203 -16.04 11.83 -19.30
C CYS A 203 -14.88 10.85 -19.33
N ASP A 204 -14.67 10.19 -20.48
CA ASP A 204 -13.67 9.13 -20.64
C ASP A 204 -13.64 8.06 -19.56
N PHE A 205 -14.58 7.11 -19.65
CA PHE A 205 -14.62 5.94 -18.79
C PHE A 205 -14.00 4.70 -19.46
N GLY A 206 -12.97 4.96 -20.26
CA GLY A 206 -12.22 3.92 -20.95
C GLY A 206 -11.32 3.11 -20.05
N LEU A 207 -10.86 3.67 -18.94
CA LEU A 207 -10.03 2.94 -17.98
C LEU A 207 -10.75 2.64 -16.66
N ALA A 208 -12.02 3.05 -16.57
CA ALA A 208 -12.80 2.94 -15.35
C ALA A 208 -13.07 1.51 -15.07
N ARG A 209 -12.96 1.10 -13.82
CA ARG A 209 -13.33 -0.24 -13.40
C ARG A 209 -14.22 -0.14 -12.17
N ASP A 210 -14.94 -1.23 -11.90
CA ASP A 210 -15.77 -1.40 -10.71
C ASP A 210 -14.94 -2.14 -9.70
N ILE A 211 -14.90 -1.63 -8.48
CA ILE A 211 -13.91 -1.99 -7.49
C ILE A 211 -14.54 -2.77 -6.31
N LYS A 212 -15.85 -3.00 -6.38
CA LYS A 212 -16.58 -3.66 -5.30
C LYS A 212 -15.95 -4.98 -4.89
N ASN A 213 -15.55 -5.78 -5.86
CA ASN A 213 -15.00 -7.08 -5.55
C ASN A 213 -13.78 -7.09 -4.62
N ASP A 214 -12.79 -6.24 -4.88
CA ASP A 214 -11.61 -6.11 -3.99
C ASP A 214 -11.81 -4.70 -3.48
N SER A 215 -10.94 -3.89 -3.92
CA SER A 215 -10.89 -2.45 -3.97
C SER A 215 -9.67 -2.31 -4.85
N ASN A 216 -8.52 -2.85 -4.10
CA ASN A 216 -7.22 -3.09 -4.73
C ASN A 216 -7.35 -3.80 -6.08
N TYR A 217 -7.69 -2.97 -7.10
CA TYR A 217 -7.70 -3.37 -8.50
C TYR A 217 -6.30 -3.26 -9.11
N VAL A 218 -5.83 -4.40 -9.64
CA VAL A 218 -4.48 -4.58 -10.17
C VAL A 218 -4.44 -4.57 -11.70
N VAL A 219 -3.58 -3.72 -12.25
CA VAL A 219 -3.47 -3.59 -13.69
C VAL A 219 -2.64 -4.72 -14.29
N LYS A 220 -3.31 -5.54 -15.09
CA LYS A 220 -2.78 -6.78 -15.59
C LYS A 220 -1.93 -6.58 -16.85
N GLY A 221 -2.39 -5.71 -17.76
CA GLY A 221 -1.95 -5.71 -19.14
C GLY A 221 -0.57 -5.34 -19.68
N ASN A 222 0.27 -4.63 -18.90
CA ASN A 222 1.44 -3.87 -19.43
C ASN A 222 0.88 -2.76 -20.34
N ALA A 223 0.38 -1.69 -19.74
CA ALA A 223 -0.79 -1.01 -20.32
C ALA A 223 -0.66 0.20 -21.23
N ARG A 224 0.21 1.14 -20.90
CA ARG A 224 0.16 2.51 -21.49
C ARG A 224 -0.87 3.37 -20.77
N LEU A 225 -0.44 4.03 -19.70
CA LEU A 225 -1.35 4.72 -18.76
C LEU A 225 -1.03 6.22 -18.59
N PRO A 226 -1.92 6.97 -17.98
CA PRO A 226 -1.72 8.41 -17.87
C PRO A 226 -0.85 8.73 -16.66
N VAL A 227 0.41 8.27 -16.71
CA VAL A 227 1.36 8.27 -15.57
C VAL A 227 1.47 9.57 -14.76
N LYS A 228 1.58 10.72 -15.41
CA LYS A 228 1.71 11.99 -14.69
C LYS A 228 0.47 12.35 -13.83
N TRP A 229 -0.63 11.63 -14.06
CA TRP A 229 -1.82 11.74 -13.24
C TRP A 229 -1.91 10.59 -12.25
N MET A 230 -0.92 9.69 -12.22
CA MET A 230 -1.02 8.47 -11.41
C MET A 230 -0.40 8.56 -10.02
N ALA A 231 -1.10 7.99 -9.02
CA ALA A 231 -0.60 7.91 -7.65
C ALA A 231 0.55 6.93 -7.59
N PRO A 232 1.52 7.14 -6.72
CA PRO A 232 2.72 6.32 -6.74
C PRO A 232 2.37 4.86 -6.53
N GLU A 233 1.42 4.55 -5.66
CA GLU A 233 1.11 3.14 -5.40
C GLU A 233 0.61 2.37 -6.64
N SER A 234 0.12 3.11 -7.63
CA SER A 234 -0.43 2.53 -8.84
C SER A 234 0.67 2.33 -9.86
N ILE A 235 1.67 3.21 -9.83
CA ILE A 235 2.83 3.12 -10.69
C ILE A 235 3.67 1.93 -10.24
N PHE A 236 3.91 1.84 -8.94
CA PHE A 236 4.95 0.95 -8.46
C PHE A 236 4.42 -0.42 -8.09
N ASN A 237 3.21 -0.45 -7.54
CA ASN A 237 2.64 -1.67 -7.01
C ASN A 237 1.40 -2.07 -7.79
N CYS A 238 1.18 -1.40 -8.92
CA CYS A 238 0.04 -1.64 -9.83
C CYS A 238 -1.35 -1.66 -9.19
N VAL A 239 -1.54 -0.90 -8.13
CA VAL A 239 -2.82 -0.95 -7.41
C VAL A 239 -3.56 0.38 -7.48
N TYR A 240 -4.79 0.32 -7.95
CA TYR A 240 -5.66 1.50 -7.91
C TYR A 240 -6.72 1.24 -6.86
N THR A 241 -7.06 2.30 -6.15
CA THR A 241 -8.07 2.25 -5.11
C THR A 241 -8.96 3.46 -5.21
N PHE A 242 -9.93 3.58 -4.31
CA PHE A 242 -10.77 4.78 -4.29
C PHE A 242 -9.96 6.03 -4.06
N GLU A 243 -8.94 5.93 -3.21
CA GLU A 243 -8.14 7.08 -2.88
C GLU A 243 -7.00 7.29 -3.90
N SER A 244 -7.02 6.57 -5.00
CA SER A 244 -6.08 6.81 -6.07
C SER A 244 -6.62 7.70 -7.18
N ASP A 245 -7.94 7.77 -7.32
CA ASP A 245 -8.56 8.79 -8.16
C ASP A 245 -8.34 10.10 -7.42
N VAL A 246 -8.34 10.03 -6.09
CA VAL A 246 -8.07 11.22 -5.30
C VAL A 246 -6.73 11.83 -5.70
N TRP A 247 -5.69 11.00 -5.82
CA TRP A 247 -4.42 11.52 -6.27
C TRP A 247 -4.65 12.31 -7.58
N SER A 248 -5.28 11.68 -8.57
CA SER A 248 -5.37 12.32 -9.88
C SER A 248 -6.15 13.60 -9.86
N TYR A 249 -7.27 13.62 -9.12
CA TYR A 249 -8.02 14.81 -8.80
C TYR A 249 -7.14 15.93 -8.30
N GLY A 250 -6.08 15.58 -7.57
CA GLY A 250 -5.08 16.57 -7.21
C GLY A 250 -4.33 17.14 -8.41
N ILE A 251 -3.72 16.29 -9.22
CA ILE A 251 -3.08 16.74 -10.45
C ILE A 251 -4.04 17.58 -11.29
N PHE A 252 -5.35 17.38 -11.06
CA PHE A 252 -6.40 18.10 -11.79
C PHE A 252 -6.74 19.45 -11.17
N LEU A 253 -6.71 19.53 -9.86
CA LEU A 253 -6.77 20.84 -9.23
C LEU A 253 -5.56 21.63 -9.66
N TRP A 254 -4.41 20.95 -9.79
CA TRP A 254 -3.21 21.58 -10.35
C TRP A 254 -3.42 22.08 -11.79
N GLU A 255 -4.08 21.32 -12.62
CA GLU A 255 -4.31 21.74 -13.98
C GLU A 255 -5.27 22.92 -14.03
N LEU A 256 -6.27 22.87 -13.14
CA LEU A 256 -7.36 23.83 -13.06
C LEU A 256 -6.85 25.23 -12.73
N PHE A 257 -5.98 25.29 -11.75
CA PHE A 257 -5.59 26.54 -11.16
C PHE A 257 -4.36 27.13 -11.79
N SER A 258 -3.68 26.31 -12.59
CA SER A 258 -2.56 26.80 -13.39
C SER A 258 -3.09 27.28 -14.74
N LEU A 259 -4.41 27.33 -14.85
CA LEU A 259 -5.11 27.70 -16.06
C LEU A 259 -4.66 26.84 -17.26
N GLY A 260 -4.43 25.57 -16.98
CA GLY A 260 -4.37 24.60 -18.04
C GLY A 260 -2.99 24.14 -18.41
N SER A 261 -2.05 24.28 -17.48
CA SER A 261 -0.70 23.84 -17.72
C SER A 261 -0.62 22.32 -17.71
N SER A 262 0.38 21.80 -18.40
CA SER A 262 0.71 20.39 -18.34
C SER A 262 1.44 20.11 -16.99
N PRO A 263 1.14 18.99 -16.35
CA PRO A 263 1.78 18.64 -15.09
C PRO A 263 3.22 18.31 -15.37
N TYR A 264 4.11 18.70 -14.47
CA TYR A 264 5.54 18.51 -14.58
C TYR A 264 6.00 18.88 -15.97
N PRO A 265 5.91 20.17 -16.31
CA PRO A 265 6.17 20.62 -17.67
C PRO A 265 7.63 20.49 -18.00
N GLY A 266 7.90 19.80 -19.08
CA GLY A 266 9.23 19.75 -19.64
C GLY A 266 9.85 18.47 -19.17
N MET A 267 9.15 17.83 -18.22
CA MET A 267 9.65 16.64 -17.53
C MET A 267 9.20 15.34 -18.17
N PRO A 268 10.14 14.63 -18.81
CA PRO A 268 9.85 13.31 -19.37
C PRO A 268 9.60 12.28 -18.29
N VAL A 269 8.76 11.31 -18.60
CA VAL A 269 8.52 10.23 -17.67
C VAL A 269 9.61 9.16 -17.87
N ASP A 270 10.52 9.13 -16.91
CA ASP A 270 11.55 8.11 -16.79
C ASP A 270 11.93 8.02 -15.33
N SER A 271 13.00 7.28 -15.04
CA SER A 271 13.50 7.08 -13.68
C SER A 271 13.63 8.37 -12.86
N LYS A 272 13.96 9.50 -13.50
CA LYS A 272 14.13 10.77 -12.80
C LYS A 272 12.81 11.27 -12.30
N PHE A 273 11.77 11.07 -13.09
CA PHE A 273 10.42 11.42 -12.68
C PHE A 273 9.88 10.44 -11.62
N TYR A 274 10.15 9.14 -11.78
CA TYR A 274 9.61 8.16 -10.86
C TYR A 274 10.19 8.40 -9.49
N LYS A 275 11.47 8.72 -9.46
CA LYS A 275 12.22 8.89 -8.23
C LYS A 275 11.79 10.16 -7.52
N MET A 276 11.44 11.22 -8.25
CA MET A 276 10.99 12.42 -7.55
C MET A 276 9.62 12.27 -6.92
N ILE A 277 8.77 11.42 -7.51
CA ILE A 277 7.50 11.02 -6.91
C ILE A 277 7.70 10.19 -5.65
N LYS A 278 8.51 9.14 -5.72
CA LYS A 278 8.74 8.29 -4.55
C LYS A 278 9.32 9.05 -3.36
N GLU A 279 10.43 9.75 -3.60
CA GLU A 279 11.06 10.56 -2.57
C GLU A 279 10.16 11.71 -2.10
N GLY A 280 8.97 11.85 -2.68
CA GLY A 280 7.94 12.69 -2.09
C GLY A 280 7.77 14.12 -2.57
N PHE A 281 8.43 14.44 -3.69
CA PHE A 281 8.42 15.76 -4.24
C PHE A 281 7.10 16.00 -5.00
N ARG A 282 6.60 17.23 -4.93
CA ARG A 282 5.35 17.56 -5.54
C ARG A 282 5.45 18.94 -6.15
N MET A 283 4.46 19.28 -6.97
CA MET A 283 4.33 20.56 -7.61
C MET A 283 4.01 21.68 -6.64
N LEU A 284 4.45 22.88 -7.00
CA LEU A 284 4.15 24.08 -6.25
C LEU A 284 2.76 24.58 -6.62
N SER A 285 2.16 25.36 -5.71
CA SER A 285 0.94 26.09 -5.97
C SER A 285 1.06 26.80 -7.32
N PRO A 286 0.04 26.64 -8.16
CA PRO A 286 -0.16 27.54 -9.31
C PRO A 286 -0.37 28.98 -8.86
N GLU A 287 0.14 29.92 -9.63
CA GLU A 287 0.07 31.31 -9.22
C GLU A 287 -1.37 31.77 -9.02
N HIS A 288 -2.35 30.98 -9.44
CA HIS A 288 -3.76 31.38 -9.33
C HIS A 288 -4.56 30.58 -8.33
N ALA A 289 -3.96 29.52 -7.82
CA ALA A 289 -4.57 28.71 -6.75
C ALA A 289 -4.60 29.46 -5.42
N PRO A 290 -5.73 29.41 -4.74
CA PRO A 290 -5.84 29.94 -3.38
C PRO A 290 -5.17 28.99 -2.41
N ALA A 291 -4.82 29.43 -1.21
CA ALA A 291 -4.12 28.57 -0.26
C ALA A 291 -4.82 27.21 0.03
N GLU A 292 -6.14 27.24 0.28
CA GLU A 292 -6.93 26.04 0.61
C GLU A 292 -7.04 25.00 -0.50
N MET A 293 -6.96 25.45 -1.74
CA MET A 293 -6.96 24.54 -2.85
C MET A 293 -5.60 23.87 -3.00
N TYR A 294 -4.52 24.62 -2.78
CA TYR A 294 -3.23 23.99 -2.78
C TYR A 294 -3.20 22.98 -1.64
N ASP A 295 -3.64 23.40 -0.47
CA ASP A 295 -3.72 22.51 0.68
C ASP A 295 -4.44 21.17 0.35
N ILE A 296 -5.60 21.23 -0.27
CA ILE A 296 -6.26 20.00 -0.70
C ILE A 296 -5.37 19.17 -1.65
N MET A 297 -4.99 19.72 -2.81
CA MET A 297 -4.02 19.06 -3.70
C MET A 297 -2.98 18.30 -2.88
N LYS A 298 -2.23 19.01 -2.05
CA LYS A 298 -1.18 18.35 -1.31
C LYS A 298 -1.70 17.16 -0.52
N THR A 299 -2.75 17.32 0.29
CA THR A 299 -3.25 16.14 0.97
C THR A 299 -3.71 15.05 -0.02
N CYS A 300 -4.25 15.44 -1.17
CA CYS A 300 -4.48 14.47 -2.24
C CYS A 300 -3.19 13.79 -2.69
N TRP A 301 -2.04 14.47 -2.58
CA TRP A 301 -0.77 13.87 -2.98
C TRP A 301 0.03 13.14 -1.90
N ASP A 302 -0.57 12.89 -0.73
CA ASP A 302 0.15 12.15 0.32
C ASP A 302 0.67 10.82 -0.20
N ALA A 303 1.90 10.50 0.14
CA ALA A 303 2.45 9.20 -0.26
C ALA A 303 1.57 8.05 0.30
N ASP A 304 1.29 8.09 1.61
CA ASP A 304 0.32 7.23 2.25
C ASP A 304 -1.08 7.38 1.66
N PRO A 305 -1.56 6.36 0.92
CA PRO A 305 -2.93 6.32 0.41
C PRO A 305 -4.01 6.60 1.47
N LEU A 306 -3.82 6.07 2.68
CA LEU A 306 -4.81 6.22 3.77
C LEU A 306 -4.81 7.58 4.50
N LYS A 307 -3.95 8.51 4.07
CA LYS A 307 -3.96 9.86 4.60
C LYS A 307 -4.68 10.84 3.66
N ARG A 308 -4.87 10.47 2.40
CA ARG A 308 -5.63 11.29 1.45
C ARG A 308 -7.08 11.46 1.87
N PRO A 309 -7.72 12.59 1.55
CA PRO A 309 -9.16 12.75 1.86
C PRO A 309 -10.00 12.04 0.79
N THR A 310 -11.21 11.66 1.16
CA THR A 310 -12.13 11.06 0.23
C THR A 310 -12.85 12.19 -0.46
N PHE A 311 -13.34 11.95 -1.67
CA PHE A 311 -13.96 13.01 -2.44
C PHE A 311 -15.10 13.59 -1.63
N LYS A 312 -15.76 12.74 -0.85
CA LYS A 312 -16.80 13.19 0.06
C LYS A 312 -16.28 14.33 0.93
N GLN A 313 -15.10 14.14 1.52
CA GLN A 313 -14.39 15.16 2.29
C GLN A 313 -13.85 16.33 1.46
N ILE A 314 -13.47 16.08 0.22
CA ILE A 314 -13.09 17.17 -0.67
C ILE A 314 -14.31 18.02 -0.97
N VAL A 315 -15.41 17.35 -1.29
CA VAL A 315 -16.66 18.05 -1.52
C VAL A 315 -16.96 19.06 -0.41
N GLN A 316 -16.90 18.59 0.84
CA GLN A 316 -17.19 19.43 1.99
C GLN A 316 -16.07 20.42 2.26
N LEU A 317 -14.85 20.06 1.87
CA LEU A 317 -13.73 20.98 1.99
C LEU A 317 -13.89 22.15 1.02
N ILE A 318 -14.38 21.90 -0.19
CA ILE A 318 -14.71 23.01 -1.09
C ILE A 318 -15.94 23.87 -0.66
N GLU A 319 -16.99 23.26 -0.10
CA GLU A 319 -18.19 24.03 0.25
C GLU A 319 -17.94 25.00 1.41
N LYS A 320 -16.72 24.99 1.93
CA LYS A 320 -16.26 26.06 2.81
C LYS A 320 -15.31 26.95 1.99
N GLN A 321 -15.83 27.59 0.93
CA GLN A 321 -15.01 28.50 0.11
C GLN A 321 -15.80 29.40 -0.84
N ASN B 18 -0.65 15.95 -21.04
CA ASN B 18 0.53 15.04 -21.23
C ASN B 18 0.19 13.63 -21.72
N ASN B 19 1.26 12.84 -21.93
CA ASN B 19 1.19 11.56 -22.65
C ASN B 19 0.66 10.37 -21.84
N PTR B 20 0.31 9.34 -22.59
CA PTR B 20 -0.04 8.04 -22.07
C PTR B 20 1.24 7.30 -22.39
O PTR B 20 1.82 7.53 -23.44
CB PTR B 20 -1.28 7.51 -22.81
CG PTR B 20 -2.56 8.21 -22.42
CD1 PTR B 20 -2.86 9.45 -22.92
CD2 PTR B 20 -3.48 7.62 -21.55
CE1 PTR B 20 -4.00 10.10 -22.55
CE2 PTR B 20 -4.64 8.27 -21.18
CZ PTR B 20 -4.89 9.52 -21.69
OH PTR B 20 -5.91 10.15 -21.41
P PTR B 20 -7.14 10.10 -22.45
O1P PTR B 20 -6.72 10.48 -23.82
O2P PTR B 20 -8.31 11.01 -22.07
O3P PTR B 20 -7.64 8.65 -22.43
N VAL B 21 1.68 6.42 -21.48
CA VAL B 21 3.02 5.88 -21.50
C VAL B 21 3.06 4.49 -20.88
N PTR B 22 4.09 3.72 -21.20
CA PTR B 22 4.39 2.43 -20.54
C PTR B 22 5.26 2.67 -19.31
O PTR B 22 6.32 3.30 -19.43
CB PTR B 22 5.14 1.48 -21.45
CG PTR B 22 4.29 0.90 -22.56
CD1 PTR B 22 4.30 1.43 -23.84
CD2 PTR B 22 3.48 -0.18 -22.29
CE1 PTR B 22 3.50 0.89 -24.85
CE2 PTR B 22 2.68 -0.73 -23.27
CZ PTR B 22 2.69 -0.21 -24.56
OH PTR B 22 1.92 -0.78 -25.36
P PTR B 22 1.79 -0.78 -26.97
O1P PTR B 22 1.07 0.45 -27.39
O2P PTR B 22 0.93 -2.02 -27.29
O3P PTR B 22 3.12 -0.91 -27.73
N ILE B 23 4.82 2.22 -18.13
CA ILE B 23 5.65 2.32 -16.96
C ILE B 23 6.71 1.26 -17.18
N ASP B 24 7.95 1.68 -17.38
CA ASP B 24 8.99 0.69 -17.54
C ASP B 24 9.50 0.23 -16.17
N PRO B 25 9.30 -1.06 -15.87
CA PRO B 25 9.50 -1.54 -14.49
C PRO B 25 10.96 -1.41 -14.10
N THR B 26 11.84 -1.23 -15.07
CA THR B 26 13.27 -1.14 -14.81
C THR B 26 13.66 0.27 -14.44
N GLN B 27 12.72 1.20 -14.53
CA GLN B 27 13.04 2.59 -14.27
C GLN B 27 12.58 3.00 -12.89
N LEU B 28 11.74 2.16 -12.31
CA LEU B 28 11.15 2.39 -10.99
C LEU B 28 12.22 2.46 -9.91
N PRO B 29 11.99 3.26 -8.85
CA PRO B 29 13.06 3.62 -7.92
C PRO B 29 13.22 2.62 -6.79
N TYR B 30 14.31 1.85 -6.86
CA TYR B 30 14.70 0.91 -5.82
C TYR B 30 16.10 1.27 -5.33
N ASP B 31 16.83 2.04 -6.17
CA ASP B 31 18.26 2.48 -6.05
C ASP B 31 19.17 1.67 -5.11
N HIS B 32 18.66 0.49 -4.73
CA HIS B 32 19.04 -0.17 -3.50
C HIS B 32 20.26 -1.04 -3.61
N LYS B 33 20.80 -1.37 -2.44
CA LYS B 33 21.77 -2.44 -2.28
C LYS B 33 21.06 -3.69 -1.79
N TRP B 34 19.73 -3.62 -1.69
CA TRP B 34 18.90 -4.70 -1.19
C TRP B 34 17.94 -5.30 -2.23
N GLU B 35 17.46 -4.45 -3.13
CA GLU B 35 16.38 -4.82 -4.05
C GLU B 35 16.63 -6.10 -4.80
N PHE B 36 15.60 -6.93 -4.81
CA PHE B 36 15.59 -8.22 -5.48
C PHE B 36 14.26 -8.41 -6.23
N PRO B 37 14.31 -8.84 -7.50
CA PRO B 37 13.10 -8.94 -8.34
C PRO B 37 12.15 -10.04 -7.89
N ARG B 38 10.85 -9.74 -7.73
CA ARG B 38 9.92 -10.69 -7.11
C ARG B 38 9.55 -11.88 -7.98
N ASN B 39 9.99 -11.85 -9.22
CA ASN B 39 9.83 -13.00 -10.07
C ASN B 39 11.01 -13.99 -9.91
N ARG B 40 12.00 -13.62 -9.10
CA ARG B 40 13.12 -14.53 -8.88
C ARG B 40 12.93 -15.39 -7.64
N LEU B 41 11.82 -15.20 -6.92
CA LEU B 41 11.44 -16.13 -5.86
C LEU B 41 10.37 -17.07 -6.31
N SER B 42 10.29 -18.22 -5.65
CA SER B 42 9.23 -19.17 -5.90
C SER B 42 8.77 -19.62 -4.53
N PHE B 43 7.54 -19.28 -4.15
CA PHE B 43 7.07 -19.54 -2.79
C PHE B 43 6.79 -20.99 -2.52
N GLY B 44 7.09 -21.39 -1.29
CA GLY B 44 6.93 -22.77 -0.88
C GLY B 44 6.03 -22.77 0.32
N LYS B 45 6.35 -23.61 1.29
CA LYS B 45 5.52 -23.77 2.48
C LYS B 45 5.46 -22.47 3.31
N THR B 46 4.33 -22.27 3.98
CA THR B 46 4.23 -21.29 5.06
C THR B 46 5.10 -21.74 6.22
N LEU B 47 5.98 -20.84 6.64
CA LEU B 47 6.92 -21.10 7.73
C LEU B 47 6.40 -20.69 9.13
N GLY B 48 5.78 -19.52 9.22
CA GLY B 48 5.24 -19.05 10.48
C GLY B 48 4.49 -17.77 10.29
N ALA B 49 3.52 -17.55 11.16
CA ALA B 49 2.83 -16.27 11.24
C ALA B 49 3.17 -15.74 12.59
N GLY B 50 2.96 -14.45 12.79
CA GLY B 50 3.18 -13.84 14.08
C GLY B 50 2.25 -12.67 14.20
N ALA B 51 2.73 -11.56 14.77
CA ALA B 51 1.86 -10.41 15.01
C ALA B 51 1.98 -9.28 13.99
N PHE B 52 3.02 -9.30 13.15
CA PHE B 52 3.29 -8.21 12.19
C PHE B 52 3.52 -8.75 10.79
N GLY B 53 2.99 -9.93 10.50
CA GLY B 53 3.20 -10.56 9.20
C GLY B 53 3.15 -12.08 9.10
N LYS B 54 3.18 -12.58 7.85
CA LYS B 54 3.31 -14.00 7.59
C LYS B 54 4.66 -14.23 6.90
N VAL B 55 5.26 -15.38 7.15
CA VAL B 55 6.57 -15.72 6.60
C VAL B 55 6.49 -17.06 5.86
N VAL B 56 6.95 -17.08 4.63
CA VAL B 56 6.81 -18.25 3.79
C VAL B 56 8.17 -18.60 3.21
N GLU B 57 8.55 -19.88 3.31
CA GLU B 57 9.76 -20.42 2.65
C GLU B 57 9.73 -20.20 1.13
N ALA B 58 10.89 -19.90 0.57
CA ALA B 58 11.01 -19.79 -0.88
C ALA B 58 12.44 -20.01 -1.40
N THR B 59 12.52 -20.41 -2.67
CA THR B 59 13.77 -20.48 -3.42
C THR B 59 13.95 -19.15 -4.12
N ALA B 60 15.19 -18.66 -4.14
CA ALA B 60 15.51 -17.44 -4.86
C ALA B 60 16.65 -17.69 -5.83
N TYR B 61 16.47 -17.19 -7.04
CA TYR B 61 17.48 -17.32 -8.05
C TYR B 61 18.30 -16.05 -8.16
N GLY B 62 19.58 -16.19 -7.91
CA GLY B 62 20.51 -15.09 -8.07
C GLY B 62 20.53 -14.11 -6.93
N LEU B 63 19.85 -14.42 -5.84
CA LEU B 63 19.83 -13.54 -4.71
C LEU B 63 21.26 -13.19 -4.25
N ILE B 64 22.06 -14.19 -3.92
CA ILE B 64 23.37 -13.89 -3.35
C ILE B 64 24.44 -13.88 -4.41
N LYS B 65 24.94 -15.04 -4.82
CA LYS B 65 25.85 -15.13 -5.95
C LYS B 65 25.02 -14.81 -7.20
N SER B 66 25.68 -14.39 -8.28
CA SER B 66 24.98 -13.95 -9.49
C SER B 66 23.96 -14.97 -10.02
N ASP B 67 24.34 -16.27 -9.98
CA ASP B 67 23.51 -17.39 -10.45
C ASP B 67 23.37 -18.46 -9.36
N ALA B 68 22.57 -18.15 -8.35
CA ALA B 68 22.57 -18.88 -7.07
C ALA B 68 21.59 -20.07 -6.98
N ALA B 69 20.41 -19.75 -6.43
CA ALA B 69 19.29 -20.66 -6.12
C ALA B 69 19.43 -21.31 -4.79
N MET B 70 19.48 -20.45 -3.78
CA MET B 70 19.49 -20.85 -2.38
C MET B 70 18.10 -20.61 -1.80
N THR B 71 17.94 -20.99 -0.52
CA THR B 71 16.66 -20.99 0.20
C THR B 71 16.58 -19.84 1.18
N VAL B 72 15.49 -19.08 1.08
CA VAL B 72 15.26 -17.90 1.92
C VAL B 72 13.97 -18.01 2.72
N ALA B 73 13.75 -17.05 3.62
CA ALA B 73 12.42 -16.84 4.16
C ALA B 73 11.92 -15.53 3.58
N VAL B 74 10.63 -15.43 3.30
CA VAL B 74 10.02 -14.16 2.90
C VAL B 74 8.88 -13.68 3.85
N LYS B 75 9.04 -12.50 4.43
CA LYS B 75 8.05 -11.95 5.34
C LYS B 75 7.08 -11.01 4.61
N MET B 76 5.80 -11.21 4.87
CA MET B 76 4.75 -10.46 4.20
C MET B 76 3.83 -9.87 5.23
N LEU B 77 3.13 -8.82 4.83
CA LEU B 77 1.93 -8.44 5.50
C LEU B 77 0.88 -9.53 5.33
N LYS B 78 0.00 -9.69 6.31
CA LYS B 78 -1.15 -10.59 6.22
C LYS B 78 -2.21 -9.91 5.33
N PRO B 79 -3.32 -10.58 5.00
CA PRO B 79 -4.25 -10.05 3.98
C PRO B 79 -4.87 -8.70 4.39
N SER B 80 -5.53 -8.65 5.54
CA SER B 80 -5.96 -7.39 6.07
C SER B 80 -5.03 -7.04 7.21
N ALA B 81 -4.39 -5.88 7.11
CA ALA B 81 -3.38 -5.42 8.05
C ALA B 81 -3.57 -3.95 8.39
N HIS B 82 -3.71 -3.63 9.68
CA HIS B 82 -3.75 -2.24 10.14
C HIS B 82 -2.37 -1.55 9.90
N LEU B 83 -2.32 -0.22 10.09
CA LEU B 83 -1.12 0.59 9.86
C LEU B 83 0.08 0.14 10.67
N THR B 84 -0.16 -0.20 11.94
CA THR B 84 0.86 -0.75 12.83
C THR B 84 1.85 -1.66 12.10
N GLU B 85 1.33 -2.66 11.44
CA GLU B 85 2.14 -3.66 10.79
C GLU B 85 2.65 -3.21 9.44
N ARG B 86 2.03 -2.20 8.81
CA ARG B 86 2.59 -1.66 7.58
C ARG B 86 3.94 -1.08 7.95
N GLU B 87 3.92 -0.14 8.88
CA GLU B 87 5.13 0.53 9.37
C GLU B 87 6.18 -0.42 10.00
N ALA B 88 5.73 -1.51 10.61
CA ALA B 88 6.63 -2.50 11.24
C ALA B 88 7.37 -3.40 10.25
N LEU B 89 6.92 -3.50 9.02
CA LEU B 89 7.66 -4.19 8.00
C LEU B 89 8.79 -3.30 7.46
N MET B 90 8.54 -2.02 7.21
CA MET B 90 9.61 -1.08 6.85
C MET B 90 10.68 -0.95 7.96
N SER B 91 10.24 -0.73 9.19
CA SER B 91 11.11 -0.72 10.39
C SER B 91 11.96 -2.03 10.51
N GLU B 92 11.32 -3.17 10.26
CA GLU B 92 12.01 -4.44 10.16
C GLU B 92 13.14 -4.31 9.14
N LEU B 93 12.78 -4.05 7.89
CA LEU B 93 13.74 -3.89 6.84
C LEU B 93 14.89 -2.91 7.23
N LYS B 94 14.55 -1.73 7.75
CA LYS B 94 15.55 -0.73 8.10
C LYS B 94 16.49 -1.25 9.16
N VAL B 95 15.95 -1.66 10.30
CA VAL B 95 16.73 -2.25 11.41
C VAL B 95 17.61 -3.43 10.96
N LEU B 96 17.05 -4.32 10.15
CA LEU B 96 17.79 -5.49 9.63
C LEU B 96 18.97 -5.13 8.69
N SER B 97 18.91 -3.95 8.11
CA SER B 97 19.88 -3.55 7.09
C SER B 97 21.15 -3.04 7.74
N TYR B 98 21.05 -2.59 8.99
CA TYR B 98 22.16 -2.00 9.71
C TYR B 98 22.84 -3.02 10.62
N LEU B 99 22.41 -4.25 10.50
CA LEU B 99 22.99 -5.35 11.26
C LEU B 99 23.72 -6.30 10.30
N GLY B 100 22.97 -7.17 9.62
CA GLY B 100 23.53 -8.00 8.58
C GLY B 100 24.32 -9.19 9.09
N ASN B 101 25.61 -9.20 8.77
CA ASN B 101 26.37 -10.44 8.82
C ASN B 101 26.88 -10.76 10.21
N HIS B 102 25.97 -11.12 11.10
CA HIS B 102 26.33 -11.46 12.48
C HIS B 102 25.73 -12.78 12.90
N MET B 103 26.54 -13.59 13.55
CA MET B 103 26.26 -15.00 13.78
C MET B 103 24.88 -15.29 14.35
N ASN B 104 24.48 -14.50 15.33
CA ASN B 104 23.31 -14.84 16.13
C ASN B 104 22.07 -13.98 15.88
N ILE B 105 22.10 -13.28 14.76
CA ILE B 105 21.03 -12.38 14.34
C ILE B 105 20.58 -12.79 12.94
N VAL B 106 19.29 -12.65 12.66
CA VAL B 106 18.76 -13.05 11.38
C VAL B 106 19.32 -12.06 10.35
N ASN B 107 19.91 -12.63 9.30
CA ASN B 107 20.63 -11.88 8.29
C ASN B 107 19.65 -11.60 7.16
N LEU B 108 19.54 -10.33 6.80
CA LEU B 108 18.67 -9.91 5.71
C LEU B 108 19.40 -10.05 4.39
N LEU B 109 18.72 -10.62 3.41
CA LEU B 109 19.34 -10.88 2.12
C LEU B 109 18.91 -9.86 1.08
N GLY B 110 17.76 -9.24 1.27
CA GLY B 110 17.23 -8.31 0.30
C GLY B 110 15.77 -8.03 0.58
N ALA B 111 15.15 -7.25 -0.29
CA ALA B 111 13.74 -6.93 -0.13
C ALA B 111 13.10 -6.71 -1.47
N CYS B 112 11.77 -6.73 -1.48
CA CYS B 112 11.03 -6.49 -2.69
C CYS B 112 10.14 -5.31 -2.42
N THR B 113 10.37 -4.18 -3.08
CA THR B 113 9.56 -2.99 -2.73
C THR B 113 8.69 -2.42 -3.86
N ILE B 114 9.13 -2.60 -5.09
CA ILE B 114 8.30 -2.29 -6.22
C ILE B 114 7.41 -3.51 -6.48
N GLY B 115 6.54 -3.43 -7.48
CA GLY B 115 5.92 -4.59 -8.14
C GLY B 115 4.77 -5.29 -7.43
N GLY B 116 4.41 -4.82 -6.24
CA GLY B 116 3.55 -5.60 -5.40
C GLY B 116 3.78 -5.22 -3.95
N PRO B 117 3.25 -6.02 -3.03
CA PRO B 117 3.40 -5.74 -1.59
C PRO B 117 4.84 -5.89 -1.17
N THR B 118 5.27 -5.26 -0.08
CA THR B 118 6.64 -5.43 0.39
C THR B 118 6.98 -6.88 0.82
N LEU B 119 8.07 -7.41 0.27
CA LEU B 119 8.68 -8.65 0.76
C LEU B 119 10.00 -8.34 1.45
N VAL B 120 10.21 -9.00 2.58
CA VAL B 120 11.46 -8.88 3.31
C VAL B 120 12.12 -10.26 3.24
N ILE B 121 13.28 -10.34 2.59
CA ILE B 121 13.98 -11.60 2.43
C ILE B 121 15.11 -11.74 3.44
N THR B 122 15.06 -12.82 4.23
CA THR B 122 16.09 -13.14 5.20
C THR B 122 16.56 -14.55 4.94
N GLU B 123 17.62 -14.97 5.60
CA GLU B 123 18.10 -16.34 5.45
C GLU B 123 17.05 -17.28 5.98
N TYR B 124 16.98 -18.45 5.38
CA TYR B 124 16.11 -19.48 5.88
C TYR B 124 16.76 -20.23 7.05
N CYS B 125 15.98 -20.50 8.10
CA CYS B 125 16.48 -21.22 9.26
C CYS B 125 15.80 -22.57 9.36
N CYS B 126 16.48 -23.63 8.94
CA CYS B 126 15.85 -24.92 8.73
C CYS B 126 15.03 -25.51 9.89
N TYR B 127 15.32 -25.11 11.13
CA TYR B 127 14.63 -25.73 12.26
C TYR B 127 13.44 -24.93 12.82
N GLY B 128 13.14 -23.77 12.24
CA GLY B 128 11.96 -22.99 12.56
C GLY B 128 12.25 -22.13 13.75
N ASP B 129 11.22 -21.84 14.53
CA ASP B 129 11.43 -21.10 15.78
C ASP B 129 11.67 -22.00 16.99
N LEU B 130 12.31 -21.41 18.00
CA LEU B 130 12.65 -22.09 19.22
C LEU B 130 11.45 -22.49 20.07
N LEU B 131 10.38 -21.69 20.05
CA LEU B 131 9.20 -22.03 20.83
C LEU B 131 8.58 -23.29 20.30
N ASN B 132 8.55 -23.44 18.99
CA ASN B 132 7.96 -24.63 18.41
C ASN B 132 8.87 -25.85 18.37
N PHE B 133 10.18 -25.62 18.33
CA PHE B 133 11.16 -26.71 18.39
C PHE B 133 11.13 -27.36 19.78
N LEU B 134 11.00 -26.53 20.81
CA LEU B 134 10.83 -27.04 22.16
C LEU B 134 9.55 -27.89 22.24
N ARG B 135 8.40 -27.26 22.01
CA ARG B 135 7.10 -27.91 22.08
C ARG B 135 7.02 -29.20 21.26
N ARG B 136 7.73 -29.24 20.13
CA ARG B 136 7.81 -30.44 19.28
C ARG B 136 8.78 -31.47 19.85
N LYS B 137 9.99 -31.03 20.19
CA LYS B 137 11.04 -31.95 20.61
C LYS B 137 11.13 -32.13 22.13
N ARG B 138 10.05 -31.75 22.84
CA ARG B 138 9.96 -31.85 24.31
C ARG B 138 10.11 -33.28 24.82
N ASP B 139 9.44 -34.22 24.17
CA ASP B 139 9.54 -35.62 24.58
C ASP B 139 10.86 -36.26 24.17
N SER B 140 11.60 -35.61 23.28
CA SER B 140 12.97 -35.99 22.91
C SER B 140 13.97 -35.62 24.02
N PHE B 141 13.60 -34.62 24.83
CA PHE B 141 14.47 -34.09 25.87
C PHE B 141 14.47 -34.93 27.16
N ILE B 142 15.42 -35.85 27.22
CA ILE B 142 15.61 -36.75 28.36
C ILE B 142 16.36 -36.07 29.52
N CYS B 143 17.55 -35.56 29.22
CA CYS B 143 18.51 -35.14 30.24
C CYS B 143 19.29 -33.91 29.84
N LEU B 158 16.92 -33.85 22.38
CA LEU B 158 17.16 -32.55 23.01
C LEU B 158 17.84 -32.73 24.37
N ASP B 159 18.84 -31.87 24.66
CA ASP B 159 19.70 -32.00 25.85
C ASP B 159 19.71 -30.70 26.66
N LEU B 160 20.58 -30.65 27.68
CA LEU B 160 20.77 -29.44 28.46
C LEU B 160 21.95 -28.64 27.95
N GLU B 161 22.95 -29.32 27.39
CA GLU B 161 24.02 -28.67 26.65
C GLU B 161 23.32 -27.87 25.58
N ASP B 162 22.53 -28.59 24.78
CA ASP B 162 21.58 -28.02 23.85
C ASP B 162 21.02 -26.72 24.43
N LEU B 163 20.37 -26.81 25.59
CA LEU B 163 19.62 -25.70 26.17
C LEU B 163 20.41 -24.51 26.70
N LEU B 164 21.61 -24.75 27.22
CA LEU B 164 22.49 -23.67 27.62
C LEU B 164 23.00 -22.97 26.36
N SER B 165 23.40 -23.76 25.37
CA SER B 165 23.87 -23.24 24.08
C SER B 165 22.88 -22.17 23.55
N PHE B 166 21.60 -22.43 23.75
CA PHE B 166 20.53 -21.53 23.36
C PHE B 166 20.43 -20.31 24.29
N SER B 167 20.60 -20.49 25.61
CA SER B 167 20.68 -19.37 26.55
C SER B 167 21.91 -18.51 26.27
N TYR B 168 23.04 -19.18 25.99
CA TYR B 168 24.29 -18.53 25.55
C TYR B 168 24.11 -17.64 24.30
N GLN B 169 23.71 -18.24 23.18
CA GLN B 169 23.60 -17.55 21.89
C GLN B 169 22.61 -16.41 21.87
N VAL B 170 21.46 -16.57 22.49
CA VAL B 170 20.57 -15.43 22.62
C VAL B 170 21.27 -14.31 23.42
N ALA B 171 21.84 -14.66 24.56
CA ALA B 171 22.54 -13.70 25.42
C ALA B 171 23.57 -12.88 24.65
N LYS B 172 24.41 -13.61 23.93
CA LYS B 172 25.51 -13.12 23.12
C LYS B 172 25.00 -12.18 22.00
N GLY B 173 23.91 -12.59 21.37
CA GLY B 173 23.36 -11.85 20.25
C GLY B 173 22.55 -10.68 20.74
N MET B 174 21.98 -10.83 21.91
CA MET B 174 21.35 -9.70 22.59
C MET B 174 22.37 -8.65 22.98
N ALA B 175 23.46 -9.08 23.61
CA ALA B 175 24.56 -8.20 23.99
C ALA B 175 25.10 -7.49 22.77
N PHE B 176 24.88 -8.10 21.61
CA PHE B 176 25.28 -7.48 20.35
C PHE B 176 24.36 -6.33 19.93
N LEU B 177 23.04 -6.53 19.95
CA LEU B 177 22.08 -5.46 19.64
C LEU B 177 22.25 -4.30 20.59
N ALA B 178 22.35 -4.60 21.88
CA ALA B 178 22.59 -3.62 22.91
C ALA B 178 23.69 -2.66 22.48
N SER B 179 24.81 -3.21 22.01
CA SER B 179 26.04 -2.46 21.71
C SER B 179 25.91 -1.69 20.42
N LYS B 180 24.99 -2.11 19.59
CA LYS B 180 24.67 -1.39 18.37
C LYS B 180 23.56 -0.38 18.66
N ASN B 181 23.31 -0.15 19.94
CA ASN B 181 22.24 0.74 20.40
C ASN B 181 20.84 0.33 19.95
N CYS B 182 20.65 -0.97 19.82
CA CYS B 182 19.38 -1.53 19.34
C CYS B 182 18.57 -2.29 20.41
N ILE B 183 17.36 -1.78 20.60
CA ILE B 183 16.40 -2.35 21.53
C ILE B 183 15.48 -3.24 20.71
N HIS B 184 15.43 -4.51 21.06
CA HIS B 184 14.59 -5.47 20.35
C HIS B 184 13.08 -5.26 20.63
N ARG B 185 12.73 -5.20 21.91
CA ARG B 185 11.35 -5.01 22.39
C ARG B 185 10.39 -6.19 22.16
N ASP B 186 10.92 -7.39 21.89
CA ASP B 186 10.10 -8.52 21.43
C ASP B 186 10.84 -9.89 21.48
N LEU B 187 11.62 -10.11 22.53
CA LEU B 187 12.37 -11.36 22.72
C LEU B 187 11.53 -12.47 23.29
N ALA B 188 11.70 -13.64 22.72
CA ALA B 188 10.81 -14.73 22.99
C ALA B 188 11.26 -15.86 22.11
N ALA B 189 11.07 -17.09 22.56
CA ALA B 189 11.43 -18.26 21.74
C ALA B 189 10.69 -18.32 20.38
N ARG B 190 9.56 -17.65 20.22
CA ARG B 190 8.93 -17.57 18.91
C ARG B 190 9.76 -16.68 18.00
N ASN B 191 10.55 -15.80 18.61
CA ASN B 191 11.40 -14.88 17.89
C ASN B 191 12.88 -15.26 17.96
N ILE B 192 13.15 -16.54 18.22
CA ILE B 192 14.47 -17.14 18.06
C ILE B 192 14.45 -18.31 17.05
N LEU B 193 15.06 -18.11 15.89
CA LEU B 193 15.07 -19.13 14.85
C LEU B 193 16.21 -20.13 15.10
N LEU B 194 15.97 -21.44 14.91
CA LEU B 194 17.09 -22.38 15.02
C LEU B 194 17.52 -22.78 13.63
N THR B 195 18.82 -22.93 13.44
CA THR B 195 19.31 -23.37 12.15
C THR B 195 20.46 -24.39 12.25
N HIS B 196 21.36 -24.38 11.27
CA HIS B 196 22.18 -25.52 10.90
C HIS B 196 23.01 -26.29 11.96
N GLY B 197 23.85 -25.59 12.72
CA GLY B 197 24.74 -26.28 13.65
C GLY B 197 24.14 -26.34 15.03
N ARG B 198 22.84 -26.08 15.06
CA ARG B 198 22.10 -25.63 16.25
C ARG B 198 22.49 -24.20 16.59
N ILE B 199 22.99 -23.47 15.58
CA ILE B 199 23.18 -22.02 15.71
C ILE B 199 21.83 -21.34 15.67
N THR B 200 21.63 -20.43 16.63
CA THR B 200 20.37 -19.72 16.85
C THR B 200 20.52 -18.25 16.56
N LYS B 201 19.52 -17.73 15.86
CA LYS B 201 19.47 -16.33 15.42
C LYS B 201 18.21 -15.59 15.95
N ILE B 202 18.41 -14.38 16.48
CA ILE B 202 17.29 -13.55 16.88
C ILE B 202 16.67 -12.95 15.62
N CYS B 203 15.34 -12.94 15.57
CA CYS B 203 14.62 -12.34 14.46
C CYS B 203 13.50 -11.48 14.99
N ASP B 204 12.59 -11.10 14.09
CA ASP B 204 11.45 -10.24 14.39
C ASP B 204 11.82 -8.86 14.96
N PHE B 205 11.93 -7.88 14.07
CA PHE B 205 12.40 -6.54 14.44
C PHE B 205 11.35 -5.47 14.15
N GLY B 206 10.09 -5.82 14.34
CA GLY B 206 8.98 -4.93 14.05
C GLY B 206 8.70 -3.90 15.13
N LEU B 207 9.19 -4.16 16.35
CA LEU B 207 9.00 -3.27 17.50
C LEU B 207 10.30 -2.58 17.96
N ALA B 208 11.36 -2.79 17.17
CA ALA B 208 12.74 -2.50 17.54
C ALA B 208 13.14 -1.08 17.20
N ARG B 209 13.97 -0.49 18.06
CA ARG B 209 14.32 0.92 17.95
C ARG B 209 15.78 1.18 18.29
N ASP B 210 16.30 2.23 17.66
CA ASP B 210 17.66 2.69 17.86
C ASP B 210 17.64 4.00 18.66
N ARG B 224 0.09 -2.22 20.19
CA ARG B 224 -0.26 -3.58 20.64
C ARG B 224 0.98 -4.50 20.69
N LEU B 225 1.39 -4.86 21.90
CA LEU B 225 2.72 -5.47 22.14
C LEU B 225 2.61 -6.57 23.19
N PRO B 226 3.61 -7.46 23.29
CA PRO B 226 3.47 -8.70 24.09
C PRO B 226 3.65 -8.58 25.63
N VAL B 227 2.63 -8.09 26.33
CA VAL B 227 2.70 -7.80 27.77
C VAL B 227 3.45 -8.83 28.65
N LYS B 228 3.21 -10.13 28.43
CA LYS B 228 3.79 -11.16 29.30
C LYS B 228 5.31 -11.16 29.27
N TRP B 229 5.91 -10.65 28.19
CA TRP B 229 7.37 -10.58 28.06
C TRP B 229 7.95 -9.21 28.44
N MET B 230 7.09 -8.21 28.64
CA MET B 230 7.52 -6.85 28.92
C MET B 230 7.90 -6.66 30.38
N ALA B 231 8.91 -5.82 30.59
CA ALA B 231 9.30 -5.31 31.91
C ALA B 231 8.22 -4.35 32.44
N PRO B 232 8.07 -4.22 33.76
CA PRO B 232 6.99 -3.39 34.31
C PRO B 232 7.12 -1.92 33.91
N GLU B 233 8.35 -1.50 33.59
CA GLU B 233 8.63 -0.09 33.36
C GLU B 233 8.16 0.33 31.97
N SER B 234 8.23 -0.63 31.06
CA SER B 234 7.69 -0.55 29.71
C SER B 234 6.16 -0.57 29.65
N ILE B 235 5.54 -1.44 30.46
CA ILE B 235 4.10 -1.54 30.54
C ILE B 235 3.58 -0.25 31.11
N PHE B 236 4.13 0.17 32.25
CA PHE B 236 3.51 1.21 33.08
C PHE B 236 3.86 2.61 32.64
N ASN B 237 5.04 2.79 32.04
CA ASN B 237 5.54 4.13 31.71
C ASN B 237 5.99 4.35 30.26
N CYS B 238 5.98 3.28 29.46
CA CYS B 238 6.34 3.29 28.03
C CYS B 238 7.78 3.58 27.77
N VAL B 239 8.59 3.44 28.81
CA VAL B 239 10.02 3.58 28.67
C VAL B 239 10.63 2.20 28.49
N TYR B 240 11.48 2.09 27.47
CA TYR B 240 12.17 0.85 27.17
C TYR B 240 13.67 1.15 27.17
N THR B 241 14.45 0.33 27.83
CA THR B 241 15.91 0.48 27.82
C THR B 241 16.51 -0.89 27.57
N PHE B 242 17.83 -0.99 27.45
CA PHE B 242 18.44 -2.30 27.14
C PHE B 242 18.06 -3.26 28.24
N GLU B 243 17.71 -2.64 29.36
CA GLU B 243 17.48 -3.37 30.60
C GLU B 243 16.12 -4.03 30.58
N SER B 244 15.17 -3.42 29.87
CA SER B 244 13.86 -4.01 29.72
C SER B 244 13.99 -5.24 28.83
N ASP B 245 14.94 -5.21 27.90
CA ASP B 245 15.29 -6.37 27.05
C ASP B 245 15.83 -7.55 27.86
N VAL B 246 16.63 -7.27 28.89
CA VAL B 246 17.14 -8.32 29.74
C VAL B 246 15.94 -8.99 30.37
N TRP B 247 15.03 -8.20 30.95
CA TRP B 247 13.80 -8.72 31.54
C TRP B 247 13.13 -9.77 30.62
N SER B 248 12.99 -9.46 29.33
CA SER B 248 12.41 -10.43 28.41
C SER B 248 13.31 -11.66 28.36
N TYR B 249 14.61 -11.46 28.17
CA TYR B 249 15.54 -12.57 28.12
C TYR B 249 15.31 -13.49 29.29
N GLY B 250 15.06 -12.90 30.46
CA GLY B 250 14.64 -13.66 31.62
C GLY B 250 13.44 -14.51 31.26
N ILE B 251 12.38 -13.86 30.77
CA ILE B 251 11.16 -14.57 30.33
C ILE B 251 11.42 -15.59 29.21
N PHE B 252 12.37 -15.31 28.33
CA PHE B 252 12.82 -16.31 27.35
C PHE B 252 13.43 -17.57 28.03
N LEU B 253 14.22 -17.37 29.07
CA LEU B 253 14.89 -18.46 29.74
C LEU B 253 13.91 -19.38 30.44
N TRP B 254 12.72 -18.86 30.74
CA TRP B 254 11.71 -19.64 31.41
C TRP B 254 11.06 -20.54 30.38
N GLU B 255 10.55 -19.94 29.32
CA GLU B 255 10.10 -20.66 28.14
C GLU B 255 11.08 -21.81 27.80
N LEU B 256 12.37 -21.45 27.75
CA LEU B 256 13.46 -22.34 27.39
C LEU B 256 13.54 -23.55 28.31
N PHE B 257 13.54 -23.27 29.61
CA PHE B 257 13.80 -24.30 30.59
C PHE B 257 12.51 -24.90 31.12
N SER B 258 11.40 -24.36 30.67
CA SER B 258 10.10 -24.96 30.91
C SER B 258 9.66 -25.82 29.72
N LEU B 259 10.44 -25.75 28.63
CA LEU B 259 10.20 -26.53 27.40
C LEU B 259 8.94 -26.12 26.67
N GLY B 260 8.83 -24.81 26.47
CA GLY B 260 7.84 -24.23 25.58
C GLY B 260 6.52 -23.95 26.25
N SER B 261 6.57 -23.64 27.53
CA SER B 261 5.38 -23.16 28.25
C SER B 261 5.14 -21.68 27.97
N SER B 262 3.89 -21.28 28.15
CA SER B 262 3.51 -19.89 28.09
C SER B 262 3.90 -19.32 29.43
N PRO B 263 4.43 -18.10 29.46
CA PRO B 263 4.74 -17.46 30.74
C PRO B 263 3.45 -17.23 31.50
N TYR B 264 3.53 -17.41 32.81
CA TYR B 264 2.38 -17.25 33.68
C TYR B 264 1.20 -18.01 33.08
N PRO B 265 1.32 -19.35 32.97
CA PRO B 265 0.35 -20.12 32.18
C PRO B 265 -0.90 -20.36 33.02
N GLY B 266 -2.03 -19.84 32.53
CA GLY B 266 -3.24 -19.74 33.31
C GLY B 266 -3.59 -18.26 33.42
N MET B 267 -2.74 -17.51 34.13
CA MET B 267 -2.93 -16.08 34.38
C MET B 267 -3.33 -15.25 33.15
N PRO B 268 -4.54 -14.69 33.14
CA PRO B 268 -4.91 -13.73 32.08
C PRO B 268 -4.11 -12.44 32.27
N VAL B 269 -3.84 -11.71 31.20
CA VAL B 269 -3.22 -10.39 31.30
C VAL B 269 -4.32 -9.41 31.73
N ASP B 270 -4.37 -9.05 33.00
CA ASP B 270 -5.41 -8.14 33.48
C ASP B 270 -4.95 -7.24 34.63
N SER B 271 -5.89 -6.47 35.16
CA SER B 271 -5.67 -5.56 36.30
C SER B 271 -4.86 -6.24 37.39
N LYS B 272 -5.19 -7.50 37.65
CA LYS B 272 -4.50 -8.30 38.63
C LYS B 272 -3.07 -8.57 38.18
N PHE B 273 -2.88 -9.12 36.97
CA PHE B 273 -1.55 -9.48 36.45
C PHE B 273 -0.55 -8.35 36.58
N TYR B 274 -1.01 -7.14 36.27
CA TYR B 274 -0.17 -5.96 36.42
C TYR B 274 0.20 -5.74 37.87
N LYS B 275 -0.79 -5.48 38.73
CA LYS B 275 -0.54 -5.26 40.16
C LYS B 275 0.29 -6.39 40.78
N MET B 276 0.11 -7.61 40.29
CA MET B 276 0.88 -8.76 40.76
C MET B 276 2.37 -8.60 40.40
N ILE B 277 2.64 -8.32 39.13
CA ILE B 277 3.98 -8.04 38.67
C ILE B 277 4.55 -6.86 39.46
N LYS B 278 3.92 -5.68 39.37
CA LYS B 278 4.39 -4.49 40.08
C LYS B 278 4.85 -4.77 41.51
N GLU B 279 4.03 -5.52 42.27
CA GLU B 279 4.23 -5.71 43.71
C GLU B 279 5.23 -6.80 44.10
N GLY B 280 6.02 -7.29 43.15
CA GLY B 280 7.06 -8.26 43.44
C GLY B 280 6.89 -9.68 42.91
N PHE B 281 5.68 -10.06 42.50
CA PHE B 281 5.39 -11.43 42.06
C PHE B 281 6.16 -11.86 40.81
N ARG B 282 6.86 -12.99 40.92
CA ARG B 282 7.58 -13.60 39.80
C ARG B 282 7.21 -15.06 39.68
N MET B 283 7.61 -15.68 38.58
CA MET B 283 7.44 -17.12 38.36
C MET B 283 8.48 -17.93 39.12
N LEU B 284 8.16 -19.22 39.33
CA LEU B 284 9.03 -20.15 40.05
C LEU B 284 9.97 -20.85 39.09
N SER B 285 11.02 -21.48 39.62
CA SER B 285 11.99 -22.19 38.78
C SER B 285 11.24 -23.17 37.91
N PRO B 286 11.54 -23.10 36.61
CA PRO B 286 11.00 -24.09 35.67
C PRO B 286 11.44 -25.49 36.09
N GLU B 287 10.73 -26.49 35.59
CA GLU B 287 10.95 -27.88 36.01
C GLU B 287 12.38 -28.41 35.81
N HIS B 288 13.08 -27.89 34.78
CA HIS B 288 14.37 -28.42 34.32
C HIS B 288 15.52 -27.39 34.27
N ALA B 289 15.31 -26.27 34.98
CA ALA B 289 16.25 -25.15 34.97
C ALA B 289 17.19 -25.23 36.15
N PRO B 290 18.49 -25.32 35.85
CA PRO B 290 19.53 -25.32 36.88
C PRO B 290 19.48 -24.11 37.80
N ALA B 291 19.79 -24.36 39.07
CA ALA B 291 19.73 -23.37 40.15
C ALA B 291 20.21 -21.97 39.79
N GLU B 292 21.39 -21.89 39.16
CA GLU B 292 22.02 -20.61 38.80
C GLU B 292 21.47 -20.02 37.52
N MET B 293 20.76 -20.85 36.75
CA MET B 293 20.02 -20.37 35.59
C MET B 293 18.73 -19.69 36.07
N TYR B 294 18.05 -20.29 37.03
CA TYR B 294 16.87 -19.63 37.61
C TYR B 294 17.30 -18.39 38.39
N ASP B 295 18.48 -18.48 39.01
CA ASP B 295 19.14 -17.34 39.62
C ASP B 295 19.30 -16.19 38.59
N ILE B 296 19.70 -16.50 37.36
CA ILE B 296 19.80 -15.46 36.33
C ILE B 296 18.43 -14.79 36.07
N MET B 297 17.38 -15.60 35.90
CA MET B 297 16.07 -15.08 35.49
C MET B 297 15.56 -14.13 36.55
N LYS B 298 15.72 -14.55 37.80
CA LYS B 298 15.24 -13.84 38.97
C LYS B 298 15.73 -12.39 39.00
N THR B 299 16.97 -12.22 38.54
CA THR B 299 17.67 -10.94 38.54
C THR B 299 17.43 -10.16 37.24
N CYS B 300 17.01 -10.87 36.20
CA CYS B 300 16.49 -10.22 34.99
C CYS B 300 15.16 -9.59 35.34
N TRP B 301 14.43 -10.23 36.22
CA TRP B 301 13.15 -9.72 36.69
C TRP B 301 13.30 -8.82 37.92
N ASP B 302 14.40 -8.06 37.99
CA ASP B 302 14.56 -7.08 39.07
C ASP B 302 13.62 -5.91 38.85
N ALA B 303 12.80 -5.64 39.86
CA ALA B 303 11.78 -4.60 39.78
C ALA B 303 12.43 -3.26 39.43
N ASP B 304 13.57 -2.98 40.03
CA ASP B 304 14.36 -1.82 39.66
C ASP B 304 15.33 -2.23 38.55
N PRO B 305 15.21 -1.61 37.37
CA PRO B 305 15.98 -1.98 36.18
C PRO B 305 17.51 -1.97 36.37
N LEU B 306 18.01 -1.06 37.19
CA LEU B 306 19.47 -0.86 37.34
C LEU B 306 20.21 -1.95 38.10
N LYS B 307 19.47 -2.90 38.69
CA LYS B 307 20.06 -4.02 39.44
C LYS B 307 20.12 -5.31 38.61
N ARG B 308 19.40 -5.30 37.49
CA ARG B 308 19.45 -6.38 36.51
C ARG B 308 20.84 -6.41 35.90
N PRO B 309 21.30 -7.60 35.53
CA PRO B 309 22.53 -7.74 34.76
C PRO B 309 22.45 -7.09 33.38
N THR B 310 23.63 -6.80 32.82
CA THR B 310 23.75 -6.53 31.41
C THR B 310 23.76 -7.88 30.70
N PHE B 311 23.62 -7.85 29.37
CA PHE B 311 23.70 -9.07 28.60
C PHE B 311 25.15 -9.54 28.58
N LYS B 312 26.07 -8.59 28.52
CA LYS B 312 27.49 -8.96 28.56
C LYS B 312 27.81 -9.71 29.84
N GLN B 313 27.35 -9.18 30.97
CA GLN B 313 27.39 -9.84 32.27
C GLN B 313 26.65 -11.18 32.27
N ILE B 314 25.58 -11.30 31.47
CA ILE B 314 24.77 -12.53 31.37
C ILE B 314 25.54 -13.65 30.67
N VAL B 315 26.29 -13.29 29.63
CA VAL B 315 27.13 -14.23 28.89
C VAL B 315 28.15 -14.92 29.81
N GLN B 316 28.91 -14.12 30.56
CA GLN B 316 29.93 -14.66 31.46
C GLN B 316 29.34 -15.54 32.55
N LEU B 317 28.04 -15.37 32.84
CA LEU B 317 27.37 -16.19 33.84
C LEU B 317 26.99 -17.56 33.31
N ILE B 318 26.79 -17.63 31.99
CA ILE B 318 26.54 -18.90 31.30
C ILE B 318 27.84 -19.62 30.92
N GLU B 319 28.87 -18.86 30.54
CA GLU B 319 30.18 -19.45 30.21
C GLU B 319 30.75 -20.19 31.43
N LYS B 320 30.70 -19.53 32.59
CA LYS B 320 30.98 -20.19 33.85
C LYS B 320 30.23 -21.51 33.92
N GLN B 321 28.95 -21.47 33.58
CA GLN B 321 28.08 -22.64 33.58
C GLN B 321 28.49 -23.72 32.57
N ILE B 322 28.86 -23.33 31.34
CA ILE B 322 29.24 -24.30 30.29
C ILE B 322 30.61 -24.97 30.57
N SER B 323 30.91 -25.19 31.85
CA SER B 323 32.16 -25.82 32.27
C SER B 323 32.06 -26.42 33.68
MG MG C . -9.70 12.26 -23.22
PB ADP D . -10.44 9.61 -25.25
O1B ADP D . -9.87 9.31 -26.58
O2B ADP D . -10.80 8.27 -24.54
O3B ADP D . -9.55 10.52 -24.36
PA ADP D . -12.54 11.27 -24.47
O1A ADP D . -13.79 10.55 -24.11
O2A ADP D . -11.61 11.55 -23.26
O3A ADP D . -11.80 10.38 -25.57
O5' ADP D . -12.83 12.58 -25.38
C5' ADP D . -11.78 13.08 -26.16
C4' ADP D . -12.05 14.56 -26.24
O4' ADP D . -13.26 14.74 -26.95
C3' ADP D . -12.32 15.19 -24.88
O3' ADP D . -11.17 15.59 -24.18
C2' ADP D . -13.24 16.33 -25.23
O2' ADP D . -12.51 17.40 -25.76
C1' ADP D . -14.06 15.74 -26.36
N9 ADP D . -15.34 15.15 -25.91
C8 ADP D . -15.56 13.86 -25.51
N7 ADP D . -16.86 13.71 -25.20
C5 ADP D . -17.48 14.90 -25.43
C6 ADP D . -18.81 15.31 -25.29
N6 ADP D . -19.70 14.53 -24.68
N1 ADP D . -19.16 16.62 -25.61
C2 ADP D . -18.17 17.49 -26.05
N3 ADP D . -16.87 17.07 -26.16
C4 ADP D . -16.53 15.81 -25.87
MG MG E . 7.47 -13.47 16.03
PB ADP F . 6.11 -11.83 13.36
O1B ADP F . 4.88 -12.09 12.57
O2B ADP F . 6.08 -10.32 13.72
O3B ADP F . 6.26 -12.65 14.64
PA ADP F . 8.37 -13.24 12.78
O1A ADP F . 9.73 -12.90 12.31
O2A ADP F . 8.28 -13.37 14.31
O3A ADP F . 7.33 -12.13 12.38
O5' ADP F . 7.85 -14.56 12.07
C5' ADP F . 6.90 -15.37 12.73
C4' ADP F . 7.34 -16.82 12.73
O4' ADP F . 7.70 -17.28 11.43
C3' ADP F . 8.59 -17.01 13.54
O3' ADP F . 8.28 -17.14 14.90
C2' ADP F . 9.13 -18.28 12.95
O2' ADP F . 8.46 -19.38 13.52
C1' ADP F . 8.78 -18.19 11.47
N9 ADP F . 10.00 -17.70 10.77
C8 ADP F . 10.43 -16.39 10.67
N7 ADP F . 11.61 -16.37 9.99
C5 ADP F . 11.93 -17.63 9.65
C6 ADP F . 13.01 -18.14 8.95
N6 ADP F . 13.99 -17.35 8.55
N1 ADP F . 13.09 -19.50 8.74
C2 ADP F . 12.11 -20.33 9.24
N3 ADP F . 11.03 -19.83 9.94
C4 ADP F . 10.94 -18.48 10.13
#